data_6S20
#
_entry.id   6S20
#
_cell.length_a   86.400
_cell.length_b   86.400
_cell.length_c   122.210
_cell.angle_alpha   90.00
_cell.angle_beta   90.00
_cell.angle_gamma   90.00
#
_symmetry.space_group_name_H-M   'P 41 21 2'
#
loop_
_entity.id
_entity.type
_entity.pdbx_description
1 polymer N-acetylgalactosamine-6-O-sulfatase
2 non-polymer 2-acetamido-2-deoxy-6-O-sulfo-beta-D-galactopyranose
3 non-polymer 'TRIETHYLENE GLYCOL'
4 non-polymer 'CALCIUM ION'
5 water water
#
_entity_poly.entity_id   1
_entity_poly.type   'polypeptide(L)'
_entity_poly.pdbx_seq_one_letter_code
;MGSSHHHHHHSSGLVPRGSHMASQKVQKDNGQNSQKPNIIYIFADDLGIGDLSCYGATKVSTPHIDRLAGQGVQFTNAYA
TSATSTPSRFGLLTGMYPWRQENTGIAPGNSELIIDTACVTMADMLKEAGYATGVVGKWHLGLGPKGGTDFNGHITPNAQ
SIGFDYEFVIPATVDRVPCVFVENGHVVGLDPNDPITVNYEHKVGDWPTGEENPELVKLKPSQGHNNTIINGIPRIGWMT
GGKSALWKDEDIADIITNKAKSFIVSHKEEPFFLYMGTQDVHVPRVPHPRFAGKSGLGTRGDVILQLDWTIGEIMNTLDS
LQLTDNTILIFTSDNGPVIDDGYQDQAFERLNGHTPMGIYRGGKYSAYEAGTRIPFIVRWPAKVKPNKQQALFSQIDIFA
SLAALLKQPLPEDAAPDSQEHLNTLLGKDYTSREYIVQQNLNNTLAIVKGQWKYIEPSDAPAIEYWTKMELGNDRHPQLY
DLSADPSEKNNVAKQHPEVVRELSELLESVKTR
;
_entity_poly.pdbx_strand_id   C
#
loop_
_chem_comp.id
_chem_comp.type
_chem_comp.name
_chem_comp.formula
CA non-polymer 'CALCIUM ION' 'Ca 2'
NG6 D-saccharide, beta linking 2-acetamido-2-deoxy-6-O-sulfo-beta-D-galactopyranose 'C8 H15 N O9 S'
PGE non-polymer 'TRIETHYLENE GLYCOL' 'C6 H14 O4'
#
# COMPACT_ATOMS: atom_id res chain seq x y z
N SER A 34 12.98 10.80 25.56
CA SER A 34 11.52 10.56 25.83
C SER A 34 11.29 9.08 26.14
N GLN A 35 10.11 8.75 26.67
CA GLN A 35 9.71 7.35 26.97
C GLN A 35 9.15 6.75 25.67
N LYS A 36 8.07 7.33 25.15
CA LYS A 36 7.16 6.75 24.11
C LYS A 36 7.44 7.32 22.73
N PRO A 37 8.02 6.56 21.77
CA PRO A 37 8.41 7.15 20.49
C PRO A 37 7.18 7.58 19.67
N ASN A 38 7.30 8.63 18.87
CA ASN A 38 6.31 8.91 17.80
C ASN A 38 6.37 7.74 16.82
N ILE A 39 5.27 7.42 16.13
CA ILE A 39 5.23 6.32 15.12
C ILE A 39 4.67 6.88 13.82
N ILE A 40 5.44 6.78 12.75
CA ILE A 40 5.03 7.17 11.38
C ILE A 40 5.14 5.93 10.50
N TYR A 41 4.01 5.53 9.92
CA TYR A 41 3.94 4.36 9.01
C TYR A 41 3.56 4.87 7.63
N ILE A 42 4.45 4.72 6.65
CA ILE A 42 4.25 5.28 5.29
C ILE A 42 4.14 4.12 4.32
N PHE A 43 2.96 3.97 3.69
CA PHE A 43 2.75 3.10 2.52
C PHE A 43 3.03 3.93 1.27
N ALA A 44 4.08 3.57 0.54
CA ALA A 44 4.18 3.93 -0.89
C ALA A 44 3.18 3.03 -1.62
N ASP A 45 2.84 3.37 -2.85
CA ASP A 45 1.84 2.66 -3.66
C ASP A 45 2.59 1.94 -4.79
N ASP A 46 2.60 0.60 -4.80
CA ASP A 46 3.17 -0.20 -5.93
C ASP A 46 4.67 0.04 -6.07
N LEU A 47 5.37 0.37 -4.98
CA LEU A 47 6.85 0.57 -5.06
C LEU A 47 7.52 -0.80 -5.01
N GLY A 48 8.32 -1.12 -6.03
CA GLY A 48 8.93 -2.45 -6.20
C GLY A 48 10.16 -2.62 -5.36
N ILE A 49 10.48 -3.88 -5.04
CA ILE A 49 11.69 -4.32 -4.30
C ILE A 49 12.95 -3.92 -5.08
N GLY A 50 12.83 -3.61 -6.38
CA GLY A 50 13.96 -3.15 -7.21
C GLY A 50 13.89 -1.68 -7.60
N ASP A 51 12.91 -0.90 -7.11
CA ASP A 51 12.73 0.51 -7.56
C ASP A 51 13.69 1.47 -6.82
N LEU A 52 14.34 1.03 -5.73
CA LEU A 52 15.16 1.94 -4.88
C LEU A 52 16.64 1.64 -5.07
N SER A 53 17.47 2.68 -5.04
CA SER A 53 18.94 2.52 -5.23
C SER A 53 19.52 1.75 -4.06
N CYS A 54 18.98 1.85 -2.83
CA CYS A 54 19.49 1.10 -1.65
C CYS A 54 19.19 -0.39 -1.82
N TYR A 55 18.27 -0.74 -2.72
CA TYR A 55 17.96 -2.16 -3.03
C TYR A 55 18.63 -2.53 -4.33
N GLY A 56 19.55 -1.70 -4.85
CA GLY A 56 20.39 -2.05 -6.02
C GLY A 56 19.94 -1.47 -7.35
N ALA A 57 18.88 -0.67 -7.40
CA ALA A 57 18.47 0.05 -8.63
C ALA A 57 19.68 0.86 -9.09
N THR A 58 20.01 0.81 -10.38
CA THR A 58 21.14 1.56 -10.99
C THR A 58 20.60 2.64 -11.93
N LYS A 59 19.37 2.48 -12.42
CA LYS A 59 18.82 3.39 -13.46
C LYS A 59 18.05 4.53 -12.82
N VAL A 60 17.88 4.50 -11.49
CA VAL A 60 17.21 5.61 -10.79
C VAL A 60 17.87 5.71 -9.43
N SER A 61 17.94 6.93 -8.91
CA SER A 61 18.65 7.23 -7.64
C SER A 61 17.62 7.79 -6.64
N THR A 62 17.58 7.20 -5.45
CA THR A 62 16.63 7.54 -4.35
C THR A 62 17.44 7.90 -3.10
N PRO A 63 18.09 9.08 -3.07
CA PRO A 63 19.04 9.43 -2.00
C PRO A 63 18.41 9.66 -0.63
N HIS A 64 17.19 10.22 -0.57
CA HIS A 64 16.48 10.45 0.71
C HIS A 64 16.13 9.10 1.34
N ILE A 65 15.53 8.21 0.56
CA ILE A 65 15.11 6.88 1.06
C ILE A 65 16.37 6.06 1.35
N ASP A 66 17.42 6.20 0.54
CA ASP A 66 18.72 5.50 0.77
C ASP A 66 19.33 5.97 2.10
N ARG A 67 19.29 7.27 2.36
CA ARG A 67 19.76 7.88 3.64
C ARG A 67 18.98 7.25 4.81
N LEU A 68 17.65 7.16 4.67
CA LEU A 68 16.74 6.52 5.67
C LEU A 68 17.20 5.07 5.92
N ALA A 69 17.42 4.31 4.84
CA ALA A 69 17.98 2.94 4.91
C ALA A 69 19.27 2.95 5.74
N GLY A 70 20.21 3.85 5.42
CA GLY A 70 21.53 3.91 6.07
C GLY A 70 21.44 4.22 7.56
N GLN A 71 20.38 4.93 7.98
CA GLN A 71 20.16 5.36 9.39
C GLN A 71 19.40 4.29 10.19
N GLY A 72 18.84 3.28 9.52
CA GLY A 72 18.00 2.30 10.23
C GLY A 72 18.24 0.89 9.72
N VAL A 73 17.16 0.09 9.73
CA VAL A 73 17.17 -1.35 9.38
C VAL A 73 16.51 -1.51 8.01
N GLN A 74 17.27 -1.96 7.01
CA GLN A 74 16.76 -2.31 5.66
C GLN A 74 16.43 -3.81 5.61
N PHE A 75 15.17 -4.17 5.35
CA PHE A 75 14.71 -5.58 5.27
C PHE A 75 14.81 -6.09 3.83
N THR A 76 15.33 -7.31 3.64
CA THR A 76 15.48 -7.96 2.30
C THR A 76 14.49 -9.11 2.12
N ASN A 77 13.76 -9.51 3.17
CA ASN A 77 12.77 -10.62 3.11
C ASN A 77 11.50 -10.22 3.86
N ALA A 78 11.05 -8.99 3.63
CA ALA A 78 9.79 -8.43 4.16
C ALA A 78 8.70 -8.52 3.09
N TYR A 79 7.49 -8.83 3.54
CA TYR A 79 6.32 -9.11 2.67
C TYR A 79 5.08 -8.37 3.20
N ALA A 80 4.31 -7.82 2.28
CA ALA A 80 2.88 -7.46 2.48
C ALA A 80 2.03 -8.76 2.53
N THR A 81 0.81 -8.66 3.01
CA THR A 81 -0.14 -9.80 3.02
C THR A 81 -0.57 -10.11 1.59
N SER A 82 -0.58 -9.12 0.69
CA SER A 82 -1.34 -9.21 -0.59
C SER A 82 -0.62 -8.47 -1.72
N ALA A 83 -0.90 -8.89 -2.94
CA ALA A 83 -0.29 -8.35 -4.18
C ALA A 83 -1.12 -7.16 -4.70
N THR A 84 -2.08 -6.65 -3.90
CA THR A 84 -2.96 -5.48 -4.22
C THR A 84 -3.25 -4.65 -2.96
N SER A 85 -3.86 -3.48 -3.16
CA SER A 85 -3.89 -2.34 -2.21
C SER A 85 -4.82 -2.58 -1.03
N THR A 86 -6.12 -2.64 -1.29
CA THR A 86 -7.13 -2.74 -0.21
C THR A 86 -6.76 -3.87 0.74
N PRO A 87 -6.45 -5.10 0.29
CA PRO A 87 -6.23 -6.19 1.24
C PRO A 87 -4.95 -6.03 2.07
N SER A 88 -3.86 -5.53 1.50
CA SER A 88 -2.59 -5.28 2.27
C SER A 88 -2.83 -4.22 3.36
N ARG A 89 -3.58 -3.16 3.06
CA ARG A 89 -3.84 -2.05 4.02
C ARG A 89 -4.76 -2.61 5.12
N PHE A 90 -5.71 -3.44 4.75
CA PHE A 90 -6.66 -4.09 5.71
C PHE A 90 -5.88 -4.97 6.69
N GLY A 91 -5.00 -5.80 6.16
CA GLY A 91 -4.17 -6.70 6.98
C GLY A 91 -3.29 -5.89 7.91
N LEU A 92 -2.65 -4.84 7.41
CA LEU A 92 -1.82 -3.97 8.28
C LEU A 92 -2.64 -3.40 9.44
N LEU A 93 -3.79 -2.78 9.17
CA LEU A 93 -4.55 -2.02 10.23
C LEU A 93 -5.33 -2.97 11.14
N THR A 94 -5.76 -4.14 10.67
CA THR A 94 -6.61 -5.05 11.49
C THR A 94 -5.77 -6.11 12.20
N GLY A 95 -4.61 -6.46 11.66
CA GLY A 95 -3.83 -7.60 12.17
C GLY A 95 -4.55 -8.90 11.84
N MET A 96 -5.56 -8.83 10.97
CA MET A 96 -6.26 -10.02 10.40
C MET A 96 -5.98 -10.12 8.90
N TYR A 97 -5.66 -11.32 8.43
CA TYR A 97 -5.44 -11.61 7.00
C TYR A 97 -6.68 -11.17 6.26
N PRO A 98 -6.54 -10.32 5.20
CA PRO A 98 -7.69 -9.78 4.51
C PRO A 98 -8.54 -10.87 3.87
N TRP A 99 -7.90 -11.97 3.47
CA TRP A 99 -8.57 -13.09 2.76
C TRP A 99 -9.49 -13.87 3.70
N ARG A 100 -9.59 -13.48 4.98
CA ARG A 100 -10.60 -14.07 5.91
C ARG A 100 -11.96 -13.36 5.78
N GLN A 101 -12.06 -12.26 5.01
CA GLN A 101 -13.30 -11.46 4.89
C GLN A 101 -13.58 -11.26 3.38
N GLU A 102 -14.84 -11.36 2.96
CA GLU A 102 -15.15 -11.42 1.50
C GLU A 102 -14.94 -10.05 0.84
N ASN A 103 -15.17 -8.95 1.52
CA ASN A 103 -15.26 -7.65 0.82
C ASN A 103 -13.90 -6.92 0.79
N THR A 104 -12.76 -7.60 0.93
CA THR A 104 -11.46 -6.86 1.12
C THR A 104 -10.62 -6.76 -0.17
N GLY A 105 -11.18 -7.09 -1.33
CA GLY A 105 -10.51 -6.89 -2.64
C GLY A 105 -10.35 -5.41 -2.96
N ILE A 106 -9.62 -5.09 -4.03
CA ILE A 106 -9.51 -3.71 -4.61
C ILE A 106 -10.89 -3.06 -4.53
N ALA A 107 -10.96 -1.95 -3.82
CA ALA A 107 -12.25 -1.31 -3.48
C ALA A 107 -12.53 -0.19 -4.47
N PRO A 108 -13.80 0.00 -4.88
CA PRO A 108 -14.18 1.20 -5.62
C PRO A 108 -14.15 2.47 -4.75
N GLY A 109 -14.13 3.63 -5.41
CA GLY A 109 -14.11 4.98 -4.81
C GLY A 109 -15.33 5.23 -3.94
N ASN A 110 -16.41 4.47 -4.13
CA ASN A 110 -17.66 4.64 -3.36
C ASN A 110 -17.97 3.39 -2.51
N SER A 111 -16.97 2.55 -2.19
N SER A 111 -16.97 2.57 -2.19
CA SER A 111 -17.13 1.41 -1.27
CA SER A 111 -17.09 1.44 -1.24
C SER A 111 -17.52 1.93 0.12
C SER A 111 -17.54 1.96 0.13
N GLU A 112 -18.50 1.27 0.76
CA GLU A 112 -18.75 1.41 2.22
C GLU A 112 -17.45 1.06 2.97
N LEU A 113 -17.26 1.57 4.17
CA LEU A 113 -16.11 1.18 5.02
C LEU A 113 -16.09 -0.35 5.20
N ILE A 114 -14.95 -0.96 4.90
CA ILE A 114 -14.73 -2.44 4.82
C ILE A 114 -14.42 -3.00 6.22
N ILE A 115 -13.84 -2.19 7.09
CA ILE A 115 -13.48 -2.60 8.47
C ILE A 115 -14.69 -2.30 9.34
N ASP A 116 -15.18 -3.34 10.00
CA ASP A 116 -16.33 -3.21 10.92
C ASP A 116 -15.88 -2.29 12.06
N THR A 117 -16.72 -1.33 12.47
CA THR A 117 -16.40 -0.31 13.51
C THR A 117 -16.20 -0.92 14.90
N ALA A 118 -16.59 -2.19 15.16
CA ALA A 118 -16.32 -2.94 16.41
C ALA A 118 -14.94 -3.63 16.39
N CYS A 119 -14.34 -3.76 15.21
N CYS A 119 -14.29 -3.74 15.22
CA CYS A 119 -12.94 -4.22 15.06
CA CYS A 119 -12.93 -4.34 15.08
C CYS A 119 -12.02 -3.32 15.89
C CYS A 119 -11.88 -3.39 15.66
N VAL A 120 -11.02 -3.89 16.58
CA VAL A 120 -9.90 -3.11 17.18
C VAL A 120 -8.82 -2.98 16.11
N THR A 121 -8.53 -1.75 15.66
CA THR A 121 -7.47 -1.46 14.66
C THR A 121 -6.17 -1.08 15.37
N MET A 122 -5.07 -1.03 14.61
CA MET A 122 -3.77 -0.54 15.09
C MET A 122 -3.95 0.89 15.62
N ALA A 123 -4.77 1.70 14.95
CA ALA A 123 -5.03 3.11 15.35
C ALA A 123 -5.71 3.14 16.72
N ASP A 124 -6.70 2.27 16.92
CA ASP A 124 -7.43 2.14 18.23
C ASP A 124 -6.43 1.75 19.32
N MET A 125 -5.59 0.75 19.10
CA MET A 125 -4.69 0.33 20.20
C MET A 125 -3.67 1.44 20.46
N LEU A 126 -3.17 2.13 19.43
CA LEU A 126 -2.26 3.29 19.67
C LEU A 126 -3.05 4.43 20.37
N LYS A 127 -4.33 4.65 20.07
CA LYS A 127 -5.14 5.67 20.78
C LYS A 127 -5.22 5.28 22.26
N GLU A 128 -5.49 4.00 22.54
CA GLU A 128 -5.57 3.46 23.93
C GLU A 128 -4.22 3.63 24.61
N ALA A 129 -3.10 3.53 23.87
CA ALA A 129 -1.72 3.67 24.38
C ALA A 129 -1.36 5.14 24.62
N GLY A 130 -2.27 6.09 24.33
CA GLY A 130 -2.10 7.53 24.60
C GLY A 130 -1.45 8.30 23.44
N TYR A 131 -1.72 7.93 22.18
CA TYR A 131 -1.20 8.64 20.99
C TYR A 131 -2.31 9.50 20.39
N ALA A 132 -2.00 10.69 19.89
CA ALA A 132 -2.80 11.37 18.86
C ALA A 132 -2.63 10.64 17.51
N THR A 133 -3.73 10.32 16.84
CA THR A 133 -3.75 9.46 15.62
C THR A 133 -4.25 10.26 14.43
N GLY A 134 -3.62 10.05 13.27
CA GLY A 134 -4.03 10.69 12.02
C GLY A 134 -3.77 9.81 10.81
N VAL A 135 -4.63 9.90 9.80
CA VAL A 135 -4.39 9.28 8.48
C VAL A 135 -4.30 10.39 7.45
N VAL A 136 -3.24 10.39 6.66
CA VAL A 136 -3.08 11.37 5.56
C VAL A 136 -2.76 10.62 4.27
N GLY A 137 -3.55 10.87 3.22
CA GLY A 137 -3.32 10.37 1.86
C GLY A 137 -4.27 9.25 1.47
N LYS A 138 -3.72 8.26 0.74
CA LYS A 138 -4.50 7.16 0.13
C LYS A 138 -5.16 6.34 1.24
N TRP A 139 -6.47 6.14 1.14
CA TRP A 139 -7.23 5.34 2.14
C TRP A 139 -7.53 3.95 1.58
N HIS A 140 -8.46 3.88 0.63
CA HIS A 140 -8.79 2.66 -0.17
C HIS A 140 -9.31 1.54 0.75
N LEU A 141 -9.96 1.90 1.84
CA LEU A 141 -10.60 0.94 2.77
C LEU A 141 -12.10 1.22 2.91
N GLY A 142 -12.63 2.13 2.07
CA GLY A 142 -14.07 2.43 2.01
C GLY A 142 -14.46 3.52 2.99
N LEU A 143 -15.57 4.19 2.71
CA LEU A 143 -16.16 5.21 3.60
C LEU A 143 -17.67 5.09 3.54
N GLY A 144 -18.33 5.35 4.65
CA GLY A 144 -19.80 5.39 4.67
C GLY A 144 -20.39 4.00 4.88
N PRO A 145 -21.74 3.88 4.85
CA PRO A 145 -22.42 2.69 5.34
C PRO A 145 -22.83 1.76 4.18
N LYS A 146 -23.49 0.65 4.51
CA LYS A 146 -24.11 -0.26 3.53
C LYS A 146 -24.78 0.61 2.46
N GLY A 147 -24.56 0.32 1.18
CA GLY A 147 -25.18 1.02 0.05
C GLY A 147 -24.12 1.76 -0.75
N GLY A 148 -23.00 2.08 -0.11
CA GLY A 148 -21.89 2.85 -0.71
C GLY A 148 -21.82 4.26 -0.16
N THR A 149 -20.71 4.94 -0.42
CA THR A 149 -20.41 6.31 0.06
C THR A 149 -21.41 7.33 -0.51
N ASP A 150 -22.03 8.12 0.36
CA ASP A 150 -22.77 9.36 0.02
C ASP A 150 -21.80 10.50 0.34
N PHE A 151 -21.28 11.17 -0.70
CA PHE A 151 -20.17 12.15 -0.57
C PHE A 151 -20.69 13.54 -0.17
N ASN A 152 -22.00 13.71 0.04
CA ASN A 152 -22.66 15.03 0.06
C ASN A 152 -22.97 15.56 1.45
N GLY A 153 -22.73 14.81 2.51
CA GLY A 153 -22.79 15.40 3.85
C GLY A 153 -21.67 14.87 4.70
N HIS A 154 -21.92 14.68 5.99
CA HIS A 154 -21.03 13.96 6.92
C HIS A 154 -20.95 12.51 6.45
N ILE A 155 -19.76 12.05 6.09
CA ILE A 155 -19.49 10.65 5.66
C ILE A 155 -19.12 9.85 6.91
N THR A 156 -19.96 8.89 7.28
CA THR A 156 -19.75 8.07 8.50
C THR A 156 -20.34 6.69 8.25
N PRO A 157 -19.73 5.58 8.72
CA PRO A 157 -18.44 5.62 9.43
C PRO A 157 -17.28 5.96 8.48
N ASN A 158 -16.21 6.54 9.02
CA ASN A 158 -15.03 7.00 8.25
C ASN A 158 -13.80 6.55 9.04
N ALA A 159 -12.63 7.10 8.76
CA ALA A 159 -11.37 6.67 9.44
C ALA A 159 -11.47 7.02 10.93
N GLN A 160 -12.22 8.08 11.26
CA GLN A 160 -12.46 8.48 12.67
C GLN A 160 -13.32 7.46 13.44
N SER A 161 -14.03 6.56 12.77
CA SER A 161 -14.88 5.52 13.44
C SER A 161 -14.01 4.33 13.87
N ILE A 162 -12.76 4.25 13.38
CA ILE A 162 -11.88 3.10 13.66
C ILE A 162 -10.51 3.59 14.16
N GLY A 163 -10.47 4.71 14.91
CA GLY A 163 -9.36 5.01 15.82
C GLY A 163 -8.46 6.17 15.39
N PHE A 164 -8.74 6.81 14.24
CA PHE A 164 -8.01 8.00 13.76
C PHE A 164 -8.72 9.27 14.24
N ASP A 165 -8.00 10.15 14.93
CA ASP A 165 -8.54 11.44 15.44
C ASP A 165 -8.76 12.37 14.24
N TYR A 166 -7.85 12.32 13.28
CA TYR A 166 -7.78 13.25 12.13
C TYR A 166 -7.70 12.42 10.84
N GLU A 167 -8.37 12.90 9.80
CA GLU A 167 -8.54 12.24 8.49
C GLU A 167 -8.39 13.29 7.39
N PHE A 168 -7.47 13.04 6.48
CA PHE A 168 -7.36 13.78 5.21
C PHE A 168 -6.98 12.76 4.15
N VAL A 169 -7.93 12.33 3.34
CA VAL A 169 -7.75 11.12 2.51
C VAL A 169 -8.22 11.32 1.07
N ILE A 170 -7.51 10.64 0.18
CA ILE A 170 -7.98 10.16 -1.15
C ILE A 170 -8.88 8.94 -0.91
N PRO A 171 -10.15 8.98 -1.35
CA PRO A 171 -11.08 7.88 -1.10
C PRO A 171 -10.50 6.50 -1.44
N ALA A 172 -10.06 6.32 -2.68
CA ALA A 172 -9.53 5.02 -3.15
C ALA A 172 -8.16 5.23 -3.79
N THR A 173 -8.11 5.24 -5.12
CA THR A 173 -6.87 5.48 -5.91
C THR A 173 -7.11 6.72 -6.76
N VAL A 174 -6.03 7.36 -7.24
CA VAL A 174 -6.15 8.64 -8.00
C VAL A 174 -6.77 8.36 -9.38
N ASP A 175 -6.75 7.10 -9.85
CA ASP A 175 -7.40 6.69 -11.13
C ASP A 175 -8.87 6.30 -10.91
N ARG A 176 -9.40 6.49 -9.70
CA ARG A 176 -10.80 6.14 -9.35
C ARG A 176 -11.57 7.38 -8.93
N VAL A 177 -12.81 7.51 -9.41
CA VAL A 177 -13.75 8.56 -8.92
C VAL A 177 -14.28 8.18 -7.53
N PRO A 178 -14.65 9.19 -6.70
CA PRO A 178 -14.52 10.59 -7.08
C PRO A 178 -13.08 11.10 -6.84
N CYS A 179 -12.65 12.05 -7.66
CA CYS A 179 -11.33 12.72 -7.60
C CYS A 179 -11.42 13.94 -6.67
N VAL A 180 -11.68 13.70 -5.39
CA VAL A 180 -11.83 14.75 -4.33
C VAL A 180 -11.14 14.22 -3.07
N PHE A 181 -10.82 15.12 -2.13
CA PHE A 181 -10.30 14.75 -0.79
C PHE A 181 -11.43 14.84 0.24
N VAL A 182 -11.31 13.98 1.25
CA VAL A 182 -12.24 13.93 2.42
C VAL A 182 -11.41 14.27 3.65
N GLU A 183 -11.83 15.29 4.40
CA GLU A 183 -11.16 15.74 5.64
C GLU A 183 -12.19 15.65 6.77
N ASN A 184 -11.88 14.84 7.78
CA ASN A 184 -12.77 14.60 8.94
C ASN A 184 -14.21 14.43 8.46
N GLY A 185 -14.44 13.56 7.47
CA GLY A 185 -15.80 13.12 7.11
C GLY A 185 -16.51 14.08 6.18
N HIS A 186 -15.85 15.12 5.68
CA HIS A 186 -16.46 16.08 4.70
C HIS A 186 -15.55 16.25 3.47
N VAL A 187 -16.14 16.22 2.28
CA VAL A 187 -15.45 16.57 1.01
C VAL A 187 -14.98 18.04 1.05
N VAL A 188 -13.68 18.25 0.83
CA VAL A 188 -13.00 19.58 0.84
C VAL A 188 -13.47 20.35 -0.40
N GLY A 189 -14.09 21.51 -0.20
CA GLY A 189 -14.53 22.44 -1.27
C GLY A 189 -15.79 21.97 -1.93
N LEU A 190 -16.58 21.12 -1.28
CA LEU A 190 -17.85 20.64 -1.87
C LEU A 190 -18.90 21.76 -1.78
N ASP A 191 -19.58 22.03 -2.88
CA ASP A 191 -20.71 23.00 -2.94
C ASP A 191 -22.02 22.21 -2.84
N PRO A 192 -22.85 22.42 -1.79
CA PRO A 192 -24.10 21.67 -1.63
C PRO A 192 -25.05 21.83 -2.83
N ASN A 193 -24.95 22.94 -3.56
CA ASN A 193 -25.79 23.21 -4.76
C ASN A 193 -25.24 22.45 -5.97
N ASP A 194 -24.09 21.76 -5.85
CA ASP A 194 -23.47 20.92 -6.93
C ASP A 194 -23.12 19.56 -6.33
N PRO A 195 -24.12 18.76 -5.91
CA PRO A 195 -23.84 17.56 -5.14
C PRO A 195 -23.20 16.48 -6.05
N ILE A 196 -22.39 15.63 -5.44
CA ILE A 196 -21.67 14.54 -6.16
C ILE A 196 -22.61 13.34 -6.26
N THR A 197 -22.70 12.71 -7.43
CA THR A 197 -23.08 11.26 -7.48
C THR A 197 -22.00 10.45 -8.20
N VAL A 198 -21.80 9.22 -7.73
CA VAL A 198 -20.71 8.29 -8.17
C VAL A 198 -21.35 6.93 -8.47
N ASN A 199 -21.00 6.31 -9.58
CA ASN A 199 -21.61 5.01 -9.96
C ASN A 199 -20.57 4.24 -10.77
N TYR A 200 -20.35 2.99 -10.38
CA TYR A 200 -19.34 2.09 -10.99
C TYR A 200 -20.03 1.05 -11.89
N GLU A 201 -21.36 1.10 -11.98
CA GLU A 201 -22.21 0.14 -12.71
C GLU A 201 -22.65 0.73 -14.04
N HIS A 202 -23.04 2.02 -14.06
CA HIS A 202 -23.48 2.72 -15.29
C HIS A 202 -23.21 4.21 -15.15
N LYS A 203 -23.19 4.93 -16.27
CA LYS A 203 -22.99 6.38 -16.33
C LYS A 203 -24.09 7.08 -15.51
N VAL A 204 -23.68 8.02 -14.69
CA VAL A 204 -24.56 9.06 -14.09
C VAL A 204 -24.07 10.40 -14.65
N GLY A 205 -25.00 11.30 -14.94
CA GLY A 205 -24.70 12.67 -15.38
C GLY A 205 -24.21 12.66 -16.82
N ASP A 206 -23.67 13.78 -17.29
CA ASP A 206 -23.36 13.98 -18.73
C ASP A 206 -21.92 14.48 -18.88
N TRP A 207 -21.03 14.21 -17.92
CA TRP A 207 -19.59 14.53 -18.03
C TRP A 207 -18.95 13.65 -19.11
N PRO A 208 -18.03 14.22 -19.91
CA PRO A 208 -17.25 13.46 -20.87
C PRO A 208 -16.52 12.23 -20.29
N THR A 209 -16.36 11.21 -21.13
CA THR A 209 -15.73 9.92 -20.81
C THR A 209 -14.65 9.61 -21.85
N GLY A 210 -13.68 8.77 -21.48
CA GLY A 210 -12.65 8.28 -22.40
C GLY A 210 -13.32 7.64 -23.60
N GLU A 211 -14.26 6.73 -23.31
CA GLU A 211 -15.12 5.97 -24.27
C GLU A 211 -15.76 6.90 -25.32
N GLU A 212 -16.48 7.92 -24.89
CA GLU A 212 -17.33 8.72 -25.80
C GLU A 212 -16.56 9.94 -26.34
N ASN A 213 -15.56 10.43 -25.60
CA ASN A 213 -14.93 11.77 -25.81
C ASN A 213 -13.42 11.66 -25.88
N PRO A 214 -12.87 10.77 -26.76
CA PRO A 214 -11.43 10.64 -26.92
C PRO A 214 -10.75 11.98 -27.25
N GLU A 215 -11.46 12.92 -27.89
CA GLU A 215 -10.90 14.26 -28.19
C GLU A 215 -10.46 14.95 -26.89
N LEU A 216 -11.08 14.67 -25.75
CA LEU A 216 -10.78 15.37 -24.46
C LEU A 216 -9.79 14.58 -23.59
N VAL A 217 -9.25 13.48 -24.08
CA VAL A 217 -8.28 12.62 -23.35
C VAL A 217 -6.85 13.09 -23.65
N LYS A 218 -6.14 13.50 -22.62
CA LYS A 218 -4.75 13.99 -22.69
C LYS A 218 -3.80 12.82 -22.37
N LEU A 219 -4.17 11.92 -21.47
CA LEU A 219 -3.41 10.67 -21.17
C LEU A 219 -4.24 9.46 -21.58
N LYS A 220 -3.87 8.79 -22.69
CA LYS A 220 -4.70 7.75 -23.34
C LYS A 220 -4.66 6.49 -22.48
N PRO A 221 -5.81 5.79 -22.32
CA PRO A 221 -5.84 4.53 -21.57
C PRO A 221 -5.20 3.40 -22.38
N SER A 222 -4.43 2.52 -21.73
CA SER A 222 -3.90 1.27 -22.31
C SER A 222 -4.86 0.14 -21.96
N GLN A 223 -5.54 0.21 -20.80
CA GLN A 223 -6.38 -0.89 -20.26
C GLN A 223 -7.55 -0.25 -19.51
N GLY A 224 -8.79 -0.50 -19.93
CA GLY A 224 -9.99 0.16 -19.38
C GLY A 224 -9.74 1.64 -19.18
N HIS A 225 -10.01 2.17 -17.98
CA HIS A 225 -9.83 3.60 -17.62
C HIS A 225 -10.49 4.50 -18.68
N ASN A 226 -11.74 4.24 -19.03
CA ASN A 226 -12.37 4.96 -20.16
C ASN A 226 -13.71 5.54 -19.74
N ASN A 227 -13.89 5.79 -18.43
CA ASN A 227 -15.11 6.42 -17.87
C ASN A 227 -14.82 7.91 -17.70
N THR A 228 -15.32 8.54 -16.63
CA THR A 228 -15.35 10.01 -16.51
C THR A 228 -13.94 10.61 -16.63
N ILE A 229 -13.79 11.65 -17.44
CA ILE A 229 -12.49 12.38 -17.62
C ILE A 229 -12.42 13.48 -16.56
N ILE A 230 -11.30 13.57 -15.84
CA ILE A 230 -11.02 14.64 -14.87
C ILE A 230 -9.63 15.16 -15.25
N ASN A 231 -9.51 16.47 -15.49
CA ASN A 231 -8.23 17.10 -15.88
C ASN A 231 -7.65 16.37 -17.09
N GLY A 232 -8.49 15.93 -18.04
CA GLY A 232 -8.03 15.29 -19.29
C GLY A 232 -7.50 13.86 -19.11
N ILE A 233 -7.75 13.23 -17.95
CA ILE A 233 -7.38 11.82 -17.68
C ILE A 233 -8.65 11.04 -17.42
N PRO A 234 -9.01 10.06 -18.29
CA PRO A 234 -10.17 9.22 -18.04
C PRO A 234 -9.90 8.29 -16.85
N ARG A 235 -10.89 8.17 -15.98
CA ARG A 235 -10.79 7.47 -14.67
C ARG A 235 -11.58 6.18 -14.72
N ILE A 236 -11.52 5.40 -13.64
CA ILE A 236 -12.39 4.22 -13.43
C ILE A 236 -13.64 4.72 -12.68
N GLY A 237 -14.83 4.40 -13.19
CA GLY A 237 -16.13 4.77 -12.59
C GLY A 237 -16.65 6.08 -13.14
N TRP A 238 -17.92 6.37 -12.93
CA TRP A 238 -18.59 7.60 -13.42
C TRP A 238 -18.88 8.52 -12.24
N MET A 239 -18.68 9.83 -12.42
CA MET A 239 -19.17 10.83 -11.42
C MET A 239 -19.75 12.06 -12.11
N THR A 240 -20.56 12.79 -11.35
CA THR A 240 -21.03 14.14 -11.71
C THR A 240 -21.12 14.94 -10.41
N GLY A 241 -21.04 16.26 -10.53
CA GLY A 241 -21.02 17.22 -9.40
C GLY A 241 -19.66 17.31 -8.73
N GLY A 242 -19.58 18.19 -7.72
CA GLY A 242 -18.38 18.50 -6.90
C GLY A 242 -17.28 19.12 -7.75
N LYS A 243 -17.63 19.94 -8.75
CA LYS A 243 -16.62 20.52 -9.68
C LYS A 243 -15.56 21.26 -8.86
N SER A 244 -15.98 22.06 -7.88
CA SER A 244 -15.08 22.91 -7.06
C SER A 244 -14.24 22.06 -6.10
N ALA A 245 -14.60 20.80 -5.87
CA ALA A 245 -13.85 19.89 -4.96
C ALA A 245 -12.78 19.08 -5.70
N LEU A 246 -12.80 19.09 -7.03
CA LEU A 246 -11.94 18.20 -7.86
C LEU A 246 -10.48 18.57 -7.63
N TRP A 247 -9.60 17.60 -7.39
CA TRP A 247 -8.16 17.89 -7.21
C TRP A 247 -7.49 18.25 -8.52
N LYS A 248 -6.25 18.69 -8.43
CA LYS A 248 -5.29 18.88 -9.54
C LYS A 248 -4.21 17.80 -9.38
N ASP A 249 -4.14 16.85 -10.30
CA ASP A 249 -3.31 15.64 -10.12
C ASP A 249 -1.85 16.01 -9.84
N GLU A 250 -1.33 17.05 -10.50
CA GLU A 250 0.12 17.40 -10.39
C GLU A 250 0.44 17.94 -8.97
N ASP A 251 -0.56 18.28 -8.17
CA ASP A 251 -0.39 18.89 -6.82
C ASP A 251 -0.58 17.88 -5.69
N ILE A 252 -0.93 16.63 -5.99
CA ILE A 252 -1.37 15.63 -4.98
C ILE A 252 -0.20 15.34 -4.00
N ALA A 253 1.02 15.07 -4.48
CA ALA A 253 2.18 14.78 -3.60
C ALA A 253 2.40 15.98 -2.65
N ASP A 254 2.38 17.19 -3.18
CA ASP A 254 2.54 18.45 -2.42
C ASP A 254 1.43 18.55 -1.38
N ILE A 255 0.18 18.25 -1.73
CA ILE A 255 -0.97 18.40 -0.78
C ILE A 255 -0.84 17.37 0.36
N ILE A 256 -0.55 16.12 0.04
CA ILE A 256 -0.33 15.01 1.01
C ILE A 256 0.83 15.38 1.91
N THR A 257 1.96 15.76 1.31
CA THR A 257 3.18 16.13 2.08
C THR A 257 2.83 17.27 3.06
N ASN A 258 2.09 18.31 2.66
CA ASN A 258 1.83 19.49 3.54
C ASN A 258 0.88 19.09 4.67
N LYS A 259 -0.09 18.22 4.42
CA LYS A 259 -1.07 17.80 5.45
C LYS A 259 -0.39 16.89 6.46
N ALA A 260 0.51 16.02 6.00
CA ALA A 260 1.39 15.22 6.89
C ALA A 260 2.23 16.16 7.77
N LYS A 261 2.89 17.18 7.19
CA LYS A 261 3.75 18.11 7.98
C LYS A 261 2.90 18.88 8.99
N SER A 262 1.71 19.36 8.60
CA SER A 262 0.74 20.04 9.51
C SER A 262 0.45 19.15 10.71
N PHE A 263 0.12 17.89 10.45
CA PHE A 263 -0.22 16.94 11.54
C PHE A 263 0.99 16.82 12.49
N ILE A 264 2.18 16.68 11.93
CA ILE A 264 3.43 16.48 12.73
C ILE A 264 3.71 17.73 13.58
N VAL A 265 3.65 18.92 12.95
CA VAL A 265 3.88 20.24 13.60
C VAL A 265 2.82 20.43 14.69
N SER A 266 1.55 20.12 14.42
CA SER A 266 0.42 20.21 15.38
C SER A 266 0.69 19.38 16.63
N HIS A 267 1.34 18.22 16.50
CA HIS A 267 1.52 17.26 17.63
C HIS A 267 3.01 17.20 18.04
N LYS A 268 3.78 18.25 17.72
CA LYS A 268 5.20 18.46 18.17
C LYS A 268 5.39 17.99 19.62
N GLU A 269 4.47 18.30 20.53
CA GLU A 269 4.70 18.19 22.01
C GLU A 269 4.06 16.93 22.60
N GLU A 270 3.43 16.09 21.78
CA GLU A 270 2.71 14.88 22.23
C GLU A 270 3.19 13.69 21.43
N PRO A 271 3.04 12.46 22.00
CA PRO A 271 3.17 11.24 21.23
C PRO A 271 2.06 11.18 20.15
N PHE A 272 2.47 10.99 18.90
CA PHE A 272 1.54 10.87 17.75
C PHE A 272 1.84 9.62 16.90
N PHE A 273 0.80 9.17 16.20
CA PHE A 273 0.84 8.12 15.17
C PHE A 273 0.31 8.74 13.87
N LEU A 274 1.16 8.78 12.85
CA LEU A 274 0.73 9.19 11.49
C LEU A 274 0.80 7.97 10.58
N TYR A 275 -0.36 7.57 10.04
CA TYR A 275 -0.52 6.57 8.98
C TYR A 275 -0.60 7.36 7.68
N MET A 276 0.42 7.24 6.83
CA MET A 276 0.51 8.07 5.61
C MET A 276 0.54 7.16 4.39
N GLY A 277 -0.28 7.47 3.39
CA GLY A 277 -0.34 6.77 2.08
C GLY A 277 -0.11 7.72 0.92
N THR A 278 1.04 7.58 0.26
CA THR A 278 1.35 8.33 -0.98
C THR A 278 0.50 7.76 -2.13
N GLN A 279 0.20 8.64 -3.10
CA GLN A 279 -0.28 8.28 -4.45
C GLN A 279 0.87 7.62 -5.22
N ASP A 280 2.10 8.17 -5.12
CA ASP A 280 3.24 7.67 -5.93
C ASP A 280 3.53 6.22 -5.47
N VAL A 281 3.76 5.28 -6.39
CA VAL A 281 4.02 5.48 -7.81
C VAL A 281 2.82 4.95 -8.65
N HIS A 282 1.61 5.03 -8.09
CA HIS A 282 0.37 4.48 -8.69
C HIS A 282 -0.02 5.30 -9.92
N VAL A 283 -0.70 4.67 -10.88
CA VAL A 283 -1.29 5.39 -12.04
C VAL A 283 -2.47 6.23 -11.56
N PRO A 284 -2.79 7.37 -12.23
CA PRO A 284 -1.95 7.92 -13.30
C PRO A 284 -0.73 8.63 -12.72
N ARG A 285 0.45 8.48 -13.32
CA ARG A 285 1.68 9.11 -12.78
C ARG A 285 1.76 10.55 -13.31
N VAL A 286 1.43 11.51 -12.45
CA VAL A 286 1.41 12.95 -12.83
C VAL A 286 2.38 13.69 -11.91
N PRO A 287 3.70 13.64 -12.23
CA PRO A 287 4.71 14.32 -11.43
C PRO A 287 4.42 15.83 -11.41
N HIS A 288 4.73 16.50 -10.31
CA HIS A 288 4.78 17.98 -10.31
C HIS A 288 5.74 18.39 -11.44
N PRO A 289 5.47 19.50 -12.15
CA PRO A 289 6.44 20.04 -13.10
C PRO A 289 7.92 20.01 -12.68
N ARG A 290 8.24 20.20 -11.41
CA ARG A 290 9.66 20.28 -10.98
C ARG A 290 10.32 18.89 -11.02
N PHE A 291 9.55 17.79 -11.13
CA PHE A 291 10.09 16.40 -11.28
C PHE A 291 9.90 15.87 -12.70
N ALA A 292 8.95 16.43 -13.47
CA ALA A 292 8.56 15.93 -14.79
C ALA A 292 9.77 15.95 -15.73
N GLY A 293 10.11 14.79 -16.31
CA GLY A 293 11.21 14.60 -17.27
C GLY A 293 12.56 14.60 -16.61
N LYS A 294 12.66 14.45 -15.28
CA LYS A 294 13.96 14.50 -14.55
C LYS A 294 14.61 13.10 -14.46
N SER A 295 13.84 12.01 -14.55
CA SER A 295 14.34 10.62 -14.34
C SER A 295 14.92 10.06 -15.65
N GLY A 296 14.29 10.36 -16.78
CA GLY A 296 14.55 9.70 -18.08
C GLY A 296 13.95 8.30 -18.12
N LEU A 297 13.10 7.92 -17.16
CA LEU A 297 12.29 6.68 -17.26
C LEU A 297 10.82 7.02 -17.52
N GLY A 298 10.54 8.18 -18.10
CA GLY A 298 9.16 8.69 -18.23
C GLY A 298 8.55 8.98 -16.87
N THR A 299 7.23 9.11 -16.80
CA THR A 299 6.51 9.61 -15.60
C THR A 299 6.63 8.59 -14.48
N ARG A 300 6.84 7.30 -14.79
CA ARG A 300 6.98 6.23 -13.76
C ARG A 300 8.25 6.52 -12.96
N GLY A 301 9.37 6.80 -13.62
CA GLY A 301 10.62 7.22 -12.97
C GLY A 301 10.47 8.56 -12.26
N ASP A 302 9.70 9.48 -12.84
CA ASP A 302 9.57 10.87 -12.33
C ASP A 302 8.89 10.82 -10.95
N VAL A 303 7.91 9.92 -10.77
CA VAL A 303 7.15 9.88 -9.48
C VAL A 303 7.94 9.08 -8.44
N ILE A 304 8.90 8.24 -8.85
CA ILE A 304 9.88 7.65 -7.88
C ILE A 304 10.71 8.80 -7.27
N LEU A 305 11.17 9.76 -8.07
CA LEU A 305 11.93 10.94 -7.55
C LEU A 305 11.01 11.82 -6.71
N GLN A 306 9.76 12.01 -7.12
CA GLN A 306 8.77 12.79 -6.34
C GLN A 306 8.51 12.09 -5.01
N LEU A 307 8.37 10.77 -5.03
CA LEU A 307 8.21 9.96 -3.79
C LEU A 307 9.45 10.15 -2.91
N ASP A 308 10.66 10.02 -3.46
CA ASP A 308 11.91 10.19 -2.67
C ASP A 308 11.92 11.59 -2.04
N TRP A 309 11.52 12.59 -2.79
CA TRP A 309 11.43 13.99 -2.29
C TRP A 309 10.40 14.08 -1.17
N THR A 310 9.22 13.44 -1.29
CA THR A 310 8.20 13.37 -0.21
C THR A 310 8.82 12.82 1.09
N ILE A 311 9.49 11.68 1.03
CA ILE A 311 10.14 11.08 2.24
C ILE A 311 11.19 12.05 2.80
N GLY A 312 12.00 12.69 1.94
CA GLY A 312 12.94 13.78 2.30
C GLY A 312 12.27 14.88 3.10
N GLU A 313 11.09 15.33 2.67
CA GLU A 313 10.32 16.40 3.34
C GLU A 313 9.91 15.92 4.74
N ILE A 314 9.49 14.66 4.89
CA ILE A 314 9.10 14.12 6.22
C ILE A 314 10.34 14.11 7.12
N MET A 315 11.50 13.71 6.59
CA MET A 315 12.75 13.54 7.40
C MET A 315 13.24 14.92 7.84
N ASN A 316 13.17 15.93 6.96
CA ASN A 316 13.56 17.34 7.21
C ASN A 316 12.65 17.96 8.26
N THR A 317 11.35 17.71 8.20
CA THR A 317 10.36 18.20 9.20
C THR A 317 10.72 17.64 10.59
N LEU A 318 10.97 16.34 10.67
CA LEU A 318 11.32 15.67 11.95
C LEU A 318 12.59 16.33 12.52
N ASP A 319 13.60 16.51 11.66
CA ASP A 319 14.94 17.08 12.00
C ASP A 319 14.77 18.50 12.53
N SER A 320 13.98 19.32 11.82
CA SER A 320 13.56 20.69 12.21
C SER A 320 13.02 20.73 13.63
N LEU A 321 12.11 19.83 13.98
CA LEU A 321 11.45 19.81 15.30
C LEU A 321 12.24 18.98 16.31
N GLN A 322 13.42 18.48 15.96
CA GLN A 322 14.24 17.63 16.86
C GLN A 322 13.41 16.39 17.27
N LEU A 323 12.66 15.78 16.34
CA LEU A 323 11.82 14.58 16.62
C LEU A 323 12.44 13.34 15.96
N THR A 324 13.56 13.50 15.22
CA THR A 324 14.23 12.41 14.46
C THR A 324 14.54 11.25 15.40
N ASP A 325 15.18 11.53 16.53
CA ASP A 325 15.80 10.49 17.37
C ASP A 325 14.74 9.59 18.00
N ASN A 326 13.63 10.14 18.50
CA ASN A 326 12.65 9.32 19.25
C ASN A 326 11.34 9.17 18.45
N THR A 327 11.44 9.09 17.12
CA THR A 327 10.33 8.74 16.19
C THR A 327 10.73 7.43 15.47
N ILE A 328 9.84 6.44 15.53
CA ILE A 328 9.86 5.21 14.68
C ILE A 328 9.25 5.60 13.34
N LEU A 329 10.09 5.67 12.31
CA LEU A 329 9.66 5.94 10.91
C LEU A 329 9.79 4.63 10.10
N ILE A 330 8.66 4.07 9.67
CA ILE A 330 8.58 2.81 8.89
C ILE A 330 8.11 3.19 7.49
N PHE A 331 8.89 2.83 6.48
CA PHE A 331 8.64 3.17 5.07
C PHE A 331 8.61 1.87 4.28
N THR A 332 7.51 1.65 3.57
CA THR A 332 7.27 0.37 2.86
C THR A 332 6.30 0.59 1.71
N SER A 333 5.75 -0.49 1.18
CA SER A 333 4.80 -0.42 0.06
C SER A 333 3.63 -1.35 0.36
N ASP A 334 2.49 -1.14 -0.30
CA ASP A 334 1.25 -1.93 -0.11
C ASP A 334 1.36 -3.25 -0.88
N ASN A 335 2.07 -3.24 -2.01
CA ASN A 335 2.19 -4.41 -2.90
C ASN A 335 3.34 -4.17 -3.89
N GLY A 336 3.68 -5.16 -4.72
CA GLY A 336 4.78 -5.03 -5.68
C GLY A 336 4.47 -4.13 -6.88
N PRO A 337 5.44 -4.00 -7.80
CA PRO A 337 5.35 -2.98 -8.83
C PRO A 337 4.63 -3.47 -10.09
N VAL A 338 4.28 -2.50 -10.92
CA VAL A 338 3.63 -2.70 -12.24
C VAL A 338 4.20 -1.62 -13.18
N ILE A 339 4.54 -2.01 -14.39
CA ILE A 339 5.11 -1.10 -15.42
C ILE A 339 3.92 -0.39 -16.10
N ASP A 340 3.17 -1.09 -16.96
CA ASP A 340 1.94 -0.54 -17.58
C ASP A 340 0.73 -0.97 -16.76
N ASP A 341 0.15 -0.05 -15.98
CA ASP A 341 -1.04 -0.36 -15.13
C ASP A 341 -2.28 0.35 -15.68
N GLY A 342 -2.30 0.80 -16.93
CA GLY A 342 -3.59 1.22 -17.53
C GLY A 342 -3.56 2.47 -18.38
N TYR A 343 -2.46 3.22 -18.40
CA TYR A 343 -2.34 4.41 -19.25
C TYR A 343 -1.14 4.21 -20.18
N GLN A 344 -1.25 4.81 -21.37
CA GLN A 344 -0.14 4.88 -22.34
C GLN A 344 0.81 6.00 -21.91
N ASP A 345 1.62 5.73 -20.88
CA ASP A 345 2.60 6.64 -20.27
C ASP A 345 4.04 6.23 -20.63
N GLN A 346 4.21 5.31 -21.58
CA GLN A 346 5.54 4.87 -22.09
C GLN A 346 6.40 4.28 -20.97
N ALA A 347 5.82 3.75 -19.89
CA ALA A 347 6.65 3.22 -18.78
C ALA A 347 7.54 2.05 -19.28
N PHE A 348 7.02 1.17 -20.15
CA PHE A 348 7.85 0.09 -20.77
C PHE A 348 8.90 0.71 -21.72
N GLU A 349 8.49 1.60 -22.62
CA GLU A 349 9.38 2.15 -23.68
C GLU A 349 10.51 2.94 -23.00
N ARG A 350 10.24 3.58 -21.87
CA ARG A 350 11.21 4.45 -21.19
C ARG A 350 11.97 3.68 -20.12
N LEU A 351 11.75 2.37 -20.01
CA LEU A 351 12.25 1.59 -18.84
C LEU A 351 13.78 1.60 -18.81
N ASN A 352 14.44 1.60 -19.97
CA ASN A 352 15.91 1.84 -20.02
C ASN A 352 16.70 0.82 -19.19
N GLY A 353 16.26 -0.43 -19.14
CA GLY A 353 17.00 -1.48 -18.41
C GLY A 353 16.75 -1.43 -16.90
N HIS A 354 15.85 -0.56 -16.41
CA HIS A 354 15.44 -0.53 -14.98
C HIS A 354 14.65 -1.82 -14.69
N THR A 355 14.80 -2.36 -13.48
CA THR A 355 14.20 -3.65 -13.07
C THR A 355 13.43 -3.43 -11.76
N PRO A 356 12.16 -2.98 -11.85
CA PRO A 356 11.34 -2.68 -10.66
C PRO A 356 11.11 -3.92 -9.78
N MET A 357 11.12 -5.11 -10.39
CA MET A 357 10.89 -6.41 -9.71
C MET A 357 12.23 -6.96 -9.19
N GLY A 358 13.34 -6.25 -9.42
CA GLY A 358 14.68 -6.77 -9.11
C GLY A 358 14.87 -8.04 -9.89
N ILE A 359 15.35 -9.11 -9.27
CA ILE A 359 15.49 -10.46 -9.90
C ILE A 359 14.14 -11.23 -9.88
N TYR A 360 13.11 -10.78 -9.18
CA TYR A 360 11.97 -11.63 -8.79
C TYR A 360 10.95 -11.77 -9.92
N ARG A 361 10.32 -12.93 -9.96
CA ARG A 361 9.23 -13.21 -10.93
C ARG A 361 7.96 -12.45 -10.52
N GLY A 362 7.11 -12.16 -11.50
CA GLY A 362 5.76 -11.58 -11.29
C GLY A 362 5.79 -10.08 -11.12
N GLY A 363 5.07 -9.59 -10.11
CA GLY A 363 4.82 -8.15 -9.89
C GLY A 363 3.48 -7.99 -9.18
N LYS A 364 2.96 -6.76 -9.13
CA LYS A 364 1.59 -6.46 -8.66
C LYS A 364 0.62 -7.54 -9.17
N TYR A 365 -0.35 -7.96 -8.35
CA TYR A 365 -1.44 -8.92 -8.70
C TYR A 365 -0.98 -10.37 -8.52
N SER A 366 0.33 -10.66 -8.47
CA SER A 366 0.92 -12.02 -8.64
C SER A 366 1.18 -12.71 -7.29
N ALA A 367 1.12 -14.04 -7.29
CA ALA A 367 1.52 -14.93 -6.18
C ALA A 367 3.03 -15.15 -6.25
N TYR A 368 3.67 -14.87 -7.38
CA TYR A 368 5.16 -14.89 -7.51
C TYR A 368 5.71 -13.79 -6.57
N GLU A 369 6.96 -13.95 -6.17
CA GLU A 369 7.63 -13.19 -5.09
C GLU A 369 7.46 -11.67 -5.22
N ALA A 370 7.53 -11.11 -6.42
CA ALA A 370 7.55 -9.65 -6.61
C ALA A 370 6.15 -9.09 -6.35
N GLY A 371 5.13 -9.93 -6.21
CA GLY A 371 3.77 -9.51 -5.81
C GLY A 371 3.71 -8.96 -4.40
N THR A 372 4.40 -9.58 -3.45
CA THR A 372 4.26 -9.29 -2.00
C THR A 372 5.61 -8.94 -1.39
N ARG A 373 6.72 -9.23 -2.06
CA ARG A 373 8.05 -8.76 -1.57
C ARG A 373 8.09 -7.26 -1.72
N ILE A 374 8.28 -6.50 -0.64
CA ILE A 374 8.27 -5.01 -0.70
C ILE A 374 9.52 -4.46 0.00
N PRO A 375 9.95 -3.24 -0.39
CA PRO A 375 10.95 -2.52 0.35
C PRO A 375 10.36 -2.27 1.74
N PHE A 376 11.17 -2.35 2.78
CA PHE A 376 10.74 -2.12 4.18
C PHE A 376 11.94 -1.63 4.98
N ILE A 377 11.85 -0.38 5.46
CA ILE A 377 12.91 0.30 6.25
C ILE A 377 12.30 0.79 7.59
N VAL A 378 12.99 0.51 8.68
CA VAL A 378 12.63 0.98 10.05
C VAL A 378 13.77 1.85 10.56
N ARG A 379 13.49 3.12 10.83
CA ARG A 379 14.47 4.03 11.47
C ARG A 379 13.94 4.44 12.84
N TRP A 380 14.74 4.22 13.89
CA TRP A 380 14.49 4.72 15.27
C TRP A 380 15.83 5.00 15.93
N PRO A 381 16.50 6.13 15.65
CA PRO A 381 17.91 6.33 16.01
C PRO A 381 18.26 6.15 17.50
N ALA A 382 17.40 6.66 18.39
CA ALA A 382 17.58 6.52 19.85
C ALA A 382 17.85 5.06 20.20
N LYS A 383 17.22 4.10 19.53
CA LYS A 383 17.13 2.72 20.05
C LYS A 383 17.76 1.72 19.11
N VAL A 384 17.84 2.01 17.81
CA VAL A 384 18.03 0.99 16.74
C VAL A 384 19.29 1.34 15.94
N LYS A 385 20.25 0.42 15.86
CA LYS A 385 21.53 0.65 15.13
C LYS A 385 21.29 0.32 13.67
N PRO A 386 21.98 1.01 12.73
CA PRO A 386 21.92 0.67 11.32
C PRO A 386 22.18 -0.82 11.06
N ASN A 387 21.44 -1.45 10.15
CA ASN A 387 21.51 -2.92 9.98
C ASN A 387 20.78 -3.33 8.69
N LYS A 388 21.04 -4.55 8.25
CA LYS A 388 20.28 -5.25 7.19
C LYS A 388 19.58 -6.38 7.92
N GLN A 389 18.25 -6.47 7.79
CA GLN A 389 17.45 -7.57 8.38
C GLN A 389 17.12 -8.53 7.24
N GLN A 390 17.70 -9.72 7.29
CA GLN A 390 17.42 -10.78 6.28
C GLN A 390 16.29 -11.70 6.78
N ALA A 391 15.90 -11.62 8.05
CA ALA A 391 14.85 -12.49 8.64
C ALA A 391 13.56 -12.35 7.84
N LEU A 392 12.83 -13.45 7.71
CA LEU A 392 11.46 -13.47 7.16
C LEU A 392 10.56 -12.59 8.02
N PHE A 393 9.90 -11.58 7.44
CA PHE A 393 9.04 -10.62 8.16
C PHE A 393 7.77 -10.37 7.34
N SER A 394 6.62 -10.29 7.99
CA SER A 394 5.33 -9.96 7.33
C SER A 394 4.72 -8.70 7.96
N GLN A 395 4.12 -7.83 7.14
CA GLN A 395 3.39 -6.62 7.63
C GLN A 395 2.27 -7.00 8.60
N ILE A 396 1.73 -8.22 8.53
CA ILE A 396 0.66 -8.71 9.47
C ILE A 396 1.10 -8.58 10.94
N ASP A 397 2.40 -8.62 11.22
CA ASP A 397 2.95 -8.67 12.60
C ASP A 397 3.20 -7.26 13.17
N ILE A 398 3.02 -6.19 12.39
CA ILE A 398 3.34 -4.80 12.86
C ILE A 398 2.46 -4.47 14.09
N PHE A 399 1.15 -4.70 14.00
CA PHE A 399 0.15 -4.47 15.10
C PHE A 399 0.63 -5.09 16.42
N ALA A 400 0.81 -6.43 16.48
CA ALA A 400 1.18 -7.11 17.74
C ALA A 400 2.59 -6.65 18.15
N SER A 401 3.48 -6.36 17.20
CA SER A 401 4.88 -5.94 17.49
C SER A 401 4.89 -4.55 18.15
N LEU A 402 4.09 -3.59 17.68
CA LEU A 402 4.00 -2.25 18.33
C LEU A 402 3.26 -2.35 19.67
N ALA A 403 2.23 -3.19 19.77
CA ALA A 403 1.48 -3.39 21.03
C ALA A 403 2.44 -3.91 22.11
N ALA A 404 3.30 -4.87 21.75
CA ALA A 404 4.31 -5.48 22.65
C ALA A 404 5.32 -4.41 23.09
N LEU A 405 5.86 -3.62 22.15
CA LEU A 405 6.78 -2.48 22.42
C LEU A 405 6.19 -1.56 23.51
N LEU A 406 4.93 -1.18 23.38
CA LEU A 406 4.22 -0.25 24.29
C LEU A 406 3.63 -1.02 25.48
N LYS A 407 3.72 -2.35 25.54
CA LYS A 407 3.15 -3.12 26.66
C LYS A 407 1.65 -2.83 26.72
N GLN A 408 0.99 -2.71 25.56
CA GLN A 408 -0.45 -2.38 25.46
C GLN A 408 -1.23 -3.68 25.28
N PRO A 409 -2.17 -4.02 26.20
CA PRO A 409 -2.89 -5.29 26.11
C PRO A 409 -3.92 -5.27 24.99
N LEU A 410 -4.05 -6.37 24.26
CA LEU A 410 -5.05 -6.53 23.15
C LEU A 410 -6.28 -7.26 23.67
N PRO A 411 -7.51 -6.85 23.33
CA PRO A 411 -8.68 -7.72 23.50
C PRO A 411 -8.39 -9.12 22.91
N GLU A 412 -9.06 -10.17 23.42
CA GLU A 412 -8.76 -11.58 23.04
C GLU A 412 -8.92 -11.78 21.52
N ASP A 413 -9.83 -11.05 20.88
CA ASP A 413 -10.22 -11.22 19.45
C ASP A 413 -9.39 -10.28 18.56
N ALA A 414 -8.54 -9.40 19.12
CA ALA A 414 -7.87 -8.28 18.40
C ALA A 414 -6.64 -8.79 17.64
N ALA A 415 -6.38 -8.26 16.44
CA ALA A 415 -5.13 -8.55 15.68
C ALA A 415 -4.86 -10.06 15.67
N PRO A 416 -5.85 -10.87 15.24
CA PRO A 416 -5.82 -12.32 15.44
C PRO A 416 -4.71 -13.11 14.71
N ASP A 417 -4.14 -12.57 13.64
CA ASP A 417 -3.07 -13.27 12.87
C ASP A 417 -1.71 -12.57 13.07
N SER A 418 -1.67 -11.53 13.90
CA SER A 418 -0.47 -10.70 14.13
C SER A 418 0.36 -11.35 15.25
N GLN A 419 1.57 -11.81 14.97
CA GLN A 419 2.53 -12.31 16.00
C GLN A 419 3.50 -11.18 16.43
N GLU A 420 3.84 -11.12 17.72
CA GLU A 420 4.90 -10.26 18.28
C GLU A 420 6.23 -10.67 17.65
N HIS A 421 6.86 -9.83 16.83
CA HIS A 421 8.26 -9.99 16.37
C HIS A 421 9.03 -8.67 16.51
N LEU A 422 8.91 -8.00 17.66
CA LEU A 422 9.50 -6.65 17.90
C LEU A 422 11.02 -6.72 17.70
N ASN A 423 11.65 -7.76 18.21
CA ASN A 423 13.13 -7.91 18.13
C ASN A 423 13.58 -7.93 16.67
N THR A 424 12.84 -8.67 15.83
CA THR A 424 13.05 -8.75 14.37
C THR A 424 12.78 -7.37 13.73
N LEU A 425 11.71 -6.69 14.10
CA LEU A 425 11.31 -5.36 13.55
C LEU A 425 12.42 -4.33 13.80
N LEU A 426 13.08 -4.43 14.95
CA LEU A 426 14.10 -3.47 15.45
C LEU A 426 15.52 -3.92 15.08
N GLY A 427 15.67 -5.04 14.40
CA GLY A 427 16.97 -5.60 13.98
C GLY A 427 17.76 -6.12 15.18
N LYS A 428 17.09 -6.40 16.31
CA LYS A 428 17.72 -6.85 17.59
C LYS A 428 17.90 -8.37 17.54
N ASP A 429 17.23 -9.04 16.61
CA ASP A 429 17.30 -10.52 16.42
C ASP A 429 17.24 -10.76 14.91
N TYR A 430 17.75 -11.90 14.46
CA TYR A 430 17.68 -12.34 13.05
C TYR A 430 16.83 -13.60 12.99
N THR A 431 15.77 -13.64 13.81
CA THR A 431 14.82 -14.79 13.91
C THR A 431 13.66 -14.54 12.92
N SER A 432 13.60 -15.38 11.91
CA SER A 432 12.55 -15.41 10.86
C SER A 432 11.22 -15.80 11.50
N ARG A 433 10.12 -15.27 10.97
CA ARG A 433 8.76 -15.82 11.19
C ARG A 433 8.84 -17.28 10.77
N GLU A 434 8.10 -18.17 11.42
CA GLU A 434 8.07 -19.62 11.10
C GLU A 434 7.67 -19.77 9.61
N TYR A 435 6.72 -18.97 9.16
CA TYR A 435 6.23 -18.98 7.78
C TYR A 435 5.57 -17.63 7.51
N ILE A 436 5.40 -17.25 6.24
CA ILE A 436 4.55 -16.08 5.90
C ILE A 436 3.55 -16.51 4.82
N VAL A 437 2.42 -15.82 4.76
CA VAL A 437 1.36 -16.15 3.78
C VAL A 437 1.22 -14.95 2.84
N GLN A 438 1.10 -15.29 1.55
CA GLN A 438 0.95 -14.33 0.42
C GLN A 438 -0.42 -14.56 -0.20
N GLN A 439 -1.08 -13.50 -0.66
CA GLN A 439 -2.39 -13.59 -1.35
C GLN A 439 -2.30 -12.86 -2.71
N ASN A 440 -2.65 -13.49 -3.82
CA ASN A 440 -2.68 -12.76 -5.12
C ASN A 440 -4.06 -12.16 -5.37
N LEU A 441 -4.20 -11.56 -6.55
CA LEU A 441 -5.43 -10.93 -7.07
C LEU A 441 -6.65 -11.86 -6.95
N ASN A 442 -6.49 -13.16 -7.24
CA ASN A 442 -7.60 -14.14 -7.34
C ASN A 442 -7.72 -14.91 -6.01
N ASN A 443 -7.05 -14.42 -4.95
CA ASN A 443 -7.09 -14.97 -3.58
C ASN A 443 -6.43 -16.35 -3.54
N THR A 444 -5.58 -16.68 -4.52
CA THR A 444 -4.63 -17.81 -4.45
C THR A 444 -3.62 -17.50 -3.35
N LEU A 445 -3.45 -18.42 -2.39
CA LEU A 445 -2.49 -18.19 -1.28
C LEU A 445 -1.20 -18.97 -1.55
N ALA A 446 -0.08 -18.42 -1.09
CA ALA A 446 1.23 -19.07 -1.10
C ALA A 446 1.81 -18.89 0.30
N ILE A 447 2.66 -19.83 0.67
CA ILE A 447 3.28 -19.91 2.02
C ILE A 447 4.80 -20.05 1.81
N VAL A 448 5.58 -19.28 2.57
CA VAL A 448 7.06 -19.39 2.57
C VAL A 448 7.45 -19.91 3.94
N LYS A 449 8.16 -21.05 3.99
CA LYS A 449 8.66 -21.65 5.25
C LYS A 449 10.10 -22.11 5.03
N GLY A 450 11.02 -21.61 5.87
CA GLY A 450 12.47 -21.65 5.64
C GLY A 450 12.77 -21.36 4.19
N GLN A 451 13.29 -22.35 3.46
CA GLN A 451 13.82 -22.13 2.09
C GLN A 451 12.66 -22.26 1.08
N TRP A 452 11.54 -22.84 1.50
CA TRP A 452 10.49 -23.37 0.58
C TRP A 452 9.40 -22.33 0.34
N LYS A 453 8.95 -22.23 -0.91
CA LYS A 453 7.70 -21.52 -1.26
C LYS A 453 6.74 -22.50 -1.96
N TYR A 454 5.54 -22.65 -1.40
CA TYR A 454 4.43 -23.44 -1.97
C TYR A 454 3.32 -22.49 -2.42
N ILE A 455 2.88 -22.63 -3.66
CA ILE A 455 1.69 -21.93 -4.23
C ILE A 455 0.62 -22.99 -4.44
N GLU A 456 -0.49 -22.86 -3.73
CA GLU A 456 -1.63 -23.79 -3.80
C GLU A 456 -2.23 -23.68 -5.19
N PRO A 457 -2.86 -24.77 -5.67
CA PRO A 457 -3.48 -24.77 -6.99
C PRO A 457 -4.65 -23.79 -7.06
N SER A 458 -4.94 -23.31 -8.26
CA SER A 458 -6.07 -22.40 -8.52
C SER A 458 -6.63 -22.72 -9.90
N ASP A 459 -7.92 -22.45 -10.08
CA ASP A 459 -8.58 -22.51 -11.39
C ASP A 459 -8.58 -21.14 -12.05
N ALA A 460 -7.98 -20.10 -11.45
CA ALA A 460 -8.06 -18.74 -12.03
C ALA A 460 -7.04 -18.63 -13.17
N PRO A 461 -7.20 -17.68 -14.12
CA PRO A 461 -6.26 -17.53 -15.24
C PRO A 461 -4.79 -17.40 -14.80
N ALA A 462 -3.90 -18.05 -15.54
CA ALA A 462 -2.43 -17.98 -15.35
C ALA A 462 -1.95 -16.55 -15.57
N ILE A 463 -2.54 -15.86 -16.54
CA ILE A 463 -2.13 -14.53 -17.09
C ILE A 463 -3.24 -13.52 -16.81
N GLU A 464 -2.90 -12.38 -16.20
CA GLU A 464 -3.89 -11.32 -15.85
C GLU A 464 -4.33 -10.64 -17.14
N TYR A 465 -5.64 -10.56 -17.36
CA TYR A 465 -6.27 -10.14 -18.64
C TYR A 465 -5.69 -8.81 -19.15
N TRP A 466 -5.57 -7.79 -18.29
CA TRP A 466 -5.22 -6.41 -18.70
C TRP A 466 -3.71 -6.22 -18.89
N THR A 467 -2.93 -6.48 -17.86
CA THR A 467 -1.47 -6.25 -17.81
C THR A 467 -0.72 -7.43 -18.44
N LYS A 468 -1.33 -8.61 -18.55
CA LYS A 468 -0.65 -9.87 -18.94
C LYS A 468 0.39 -10.25 -17.89
N MET A 469 0.27 -9.77 -16.64
CA MET A 469 1.16 -10.18 -15.52
C MET A 469 1.01 -11.70 -15.29
N GLU A 470 2.09 -12.41 -15.01
CA GLU A 470 2.05 -13.81 -14.52
C GLU A 470 1.46 -13.77 -13.10
N LEU A 471 0.28 -14.36 -12.87
CA LEU A 471 -0.44 -14.36 -11.57
C LEU A 471 0.05 -15.51 -10.66
N GLY A 472 0.66 -16.55 -11.22
CA GLY A 472 1.08 -17.76 -10.48
C GLY A 472 -0.10 -18.68 -10.17
N ASN A 473 -1.23 -18.50 -10.84
CA ASN A 473 -2.40 -19.42 -10.80
C ASN A 473 -2.07 -20.63 -11.69
N ASP A 474 -2.14 -21.84 -11.15
CA ASP A 474 -1.84 -23.11 -11.87
C ASP A 474 -2.74 -24.22 -11.29
N ARG A 475 -3.32 -25.06 -12.16
CA ARG A 475 -4.20 -26.17 -11.71
C ARG A 475 -3.38 -27.15 -10.84
N HIS A 476 -2.06 -27.11 -10.95
CA HIS A 476 -1.14 -28.00 -10.20
C HIS A 476 -0.40 -27.21 -9.14
N PRO A 477 0.04 -27.88 -8.07
CA PRO A 477 0.88 -27.24 -7.05
C PRO A 477 2.21 -26.75 -7.65
N GLN A 478 2.75 -25.68 -7.06
CA GLN A 478 4.13 -25.21 -7.34
C GLN A 478 4.94 -25.21 -6.05
N LEU A 479 6.20 -25.59 -6.16
CA LEU A 479 7.18 -25.59 -5.05
C LEU A 479 8.48 -24.99 -5.60
N TYR A 480 9.01 -23.97 -4.94
CA TYR A 480 10.25 -23.27 -5.33
C TYR A 480 11.18 -23.33 -4.12
N ASP A 481 12.44 -23.65 -4.37
CA ASP A 481 13.53 -23.48 -3.38
C ASP A 481 14.13 -22.08 -3.58
N LEU A 482 13.67 -21.11 -2.77
CA LEU A 482 14.07 -19.69 -2.87
C LEU A 482 15.55 -19.53 -2.51
N SER A 483 16.14 -20.44 -1.71
CA SER A 483 17.59 -20.35 -1.34
C SER A 483 18.46 -20.58 -2.59
N ALA A 484 17.96 -21.32 -3.58
CA ALA A 484 18.69 -21.75 -4.79
C ALA A 484 18.11 -21.05 -6.02
N ASP A 485 16.80 -20.80 -5.99
CA ASP A 485 15.99 -20.37 -7.14
C ASP A 485 15.11 -19.20 -6.71
N PRO A 486 15.67 -18.06 -6.25
CA PRO A 486 14.86 -16.93 -5.78
C PRO A 486 13.91 -16.34 -6.85
N SER A 487 14.28 -16.47 -8.12
CA SER A 487 13.49 -16.04 -9.32
C SER A 487 12.41 -17.05 -9.71
N GLU A 488 12.17 -18.08 -8.90
CA GLU A 488 11.08 -19.09 -9.11
C GLU A 488 11.10 -19.58 -10.56
N LYS A 489 12.26 -20.01 -11.05
CA LYS A 489 12.41 -20.52 -12.45
C LYS A 489 12.09 -22.02 -12.56
N ASN A 490 12.14 -22.74 -11.44
CA ASN A 490 12.25 -24.23 -11.42
C ASN A 490 11.20 -24.81 -10.46
N ASN A 491 9.99 -25.07 -10.94
CA ASN A 491 8.96 -25.74 -10.09
C ASN A 491 9.44 -27.17 -9.76
N VAL A 492 9.69 -27.48 -8.49
CA VAL A 492 10.22 -28.81 -8.06
C VAL A 492 9.16 -29.53 -7.23
N ALA A 493 7.88 -29.22 -7.44
CA ALA A 493 6.75 -29.91 -6.76
C ALA A 493 6.82 -31.44 -7.02
N LYS A 494 7.06 -31.87 -8.27
CA LYS A 494 7.07 -33.31 -8.66
C LYS A 494 8.23 -34.00 -7.91
N GLN A 495 9.29 -33.25 -7.60
CA GLN A 495 10.51 -33.75 -6.92
C GLN A 495 10.27 -33.89 -5.41
N HIS A 496 9.34 -33.16 -4.78
CA HIS A 496 9.20 -33.16 -3.29
C HIS A 496 7.74 -33.24 -2.85
N PRO A 497 7.02 -34.34 -3.16
CA PRO A 497 5.62 -34.48 -2.76
C PRO A 497 5.36 -34.37 -1.25
N GLU A 498 6.30 -34.82 -0.40
CA GLU A 498 6.11 -34.79 1.07
C GLU A 498 6.22 -33.33 1.52
N VAL A 499 7.09 -32.56 0.89
CA VAL A 499 7.21 -31.09 1.16
C VAL A 499 5.91 -30.43 0.68
N VAL A 500 5.43 -30.73 -0.53
CA VAL A 500 4.15 -30.16 -1.00
C VAL A 500 3.06 -30.51 0.02
N ARG A 501 3.04 -31.74 0.53
CA ARG A 501 1.95 -32.23 1.40
C ARG A 501 1.99 -31.46 2.73
N GLU A 502 3.15 -31.34 3.35
CA GLU A 502 3.31 -30.69 4.69
C GLU A 502 2.92 -29.21 4.56
N LEU A 503 3.41 -28.52 3.54
CA LEU A 503 3.20 -27.05 3.40
C LEU A 503 1.74 -26.80 3.04
N SER A 504 1.15 -27.71 2.24
CA SER A 504 -0.30 -27.71 1.91
C SER A 504 -1.12 -27.86 3.20
N GLU A 505 -0.79 -28.83 4.04
CA GLU A 505 -1.52 -29.05 5.31
C GLU A 505 -1.30 -27.83 6.20
N LEU A 506 -0.10 -27.24 6.18
CA LEU A 506 0.18 -26.06 7.03
C LEU A 506 -0.69 -24.89 6.56
N LEU A 507 -0.72 -24.62 5.25
CA LEU A 507 -1.47 -23.47 4.72
C LEU A 507 -2.96 -23.66 5.07
N GLU A 508 -3.51 -24.85 4.84
CA GLU A 508 -4.94 -25.15 5.15
C GLU A 508 -5.23 -24.93 6.64
N SER A 509 -4.30 -25.20 7.55
CA SER A 509 -4.53 -25.02 8.99
C SER A 509 -4.53 -23.53 9.33
N VAL A 510 -3.78 -22.70 8.61
CA VAL A 510 -3.84 -21.22 8.85
C VAL A 510 -5.21 -20.74 8.38
N LYS A 511 -5.72 -21.33 7.30
CA LYS A 511 -7.02 -20.90 6.72
C LYS A 511 -8.16 -21.21 7.69
N THR A 512 -8.10 -22.35 8.39
CA THR A 512 -9.22 -22.88 9.21
C THR A 512 -8.98 -22.56 10.69
N ARG A 513 -7.87 -21.93 11.02
CA ARG A 513 -7.50 -21.54 12.40
C ARG A 513 -8.73 -21.02 13.15
C1 NG6 B . -7.06 -2.21 -11.49
C2 NG6 B . -6.67 -1.13 -12.51
C3 NG6 B . -5.31 -0.56 -12.11
C4 NG6 B . -5.32 -0.16 -10.63
C5 NG6 B . -5.73 -1.37 -9.81
C6 NG6 B . -5.68 -1.15 -8.30
C7 NG6 B . -7.73 -1.53 -14.69
C8 NG6 B . -7.59 -2.10 -16.07
N2 NG6 B . -6.70 -1.65 -13.87
O1 NG6 B . -8.38 -2.60 -11.68
O3 NG6 B . -5.04 0.58 -12.90
O4 NG6 B . -6.14 1.04 -10.45
O5 NG6 B . -7.04 -1.76 -10.13
O6 NG6 B . -4.40 -0.87 -7.84
O7 NG6 B . -8.73 -0.93 -14.40
S NG6 B . -4.22 -0.99 -6.31
O1S NG6 B . -4.69 -2.31 -5.98
O2S NG6 B . -2.82 -0.74 -6.03
O3S NG6 B . -5.08 0.17 -5.65
C1 PGE C . -3.64 -29.70 -3.42
C2 PGE C . -2.33 -30.03 -4.05
O2 PGE C . -1.32 -30.13 -3.04
C3 PGE C . -1.45 -31.22 -2.13
C4 PGE C . -1.88 -32.41 -2.87
O4 PGE C . -5.65 -33.25 -1.29
C6 PGE C . -5.58 -32.56 -2.52
C5 PGE C . -4.25 -31.92 -2.75
O3 PGE C . -3.18 -32.80 -2.40
CA CA D . -0.82 -0.61 -4.69
#